data_8SX3
#
_entry.id   8SX3
#
_cell.length_a   1.00
_cell.length_b   1.00
_cell.length_c   1.00
_cell.angle_alpha   90.00
_cell.angle_beta   90.00
_cell.angle_gamma   90.00
#
_symmetry.space_group_name_H-M   'P 1'
#
loop_
_entity.id
_entity.type
_entity.pdbx_description
1 polymer 'W6-10 mouse Fab heavy chain'
2 polymer 'W6-10 mouse light chain'
3 polymer '10E8-GT10.2 immunogen'
4 polymer '10E8 Fab heavy chain'
5 polymer '10E8 light chain'
6 branched 2-acetamido-2-deoxy-beta-D-glucopyranose-(1-4)-2-acetamido-2-deoxy-beta-D-glucopyranose
#
loop_
_entity_poly.entity_id
_entity_poly.type
_entity_poly.pdbx_seq_one_letter_code
_entity_poly.pdbx_strand_id
1 'polypeptide(L)'
;QVTLKESGPGILQPSQTLSLTCSFSGFSLSTFGMGVGWIRQPSGKGLEWLAHIWWDDDKFYNPALKSRLTISKDTSKNQV
FLKIANVDTADTATYYCARIGEDYFLDVWGKGTTVTVSSASTKGPSVFPLAPSSKSTSGGTAALGCLVKDYFPEPVTVSW
NSGALTSGVHTFPAVLQSSGLYSLSSVVTVPSSSLGTQTYICNVNHKPSNTKVDKKVEPKSCDK
;
A
2 'polypeptide(L)'
;DIQMTQSPASLSASVGETVTITCRASGNIHNYLAWYQQKQGKSPQLLVYNAKTLADGVPSRFSGSGSGTQYSLKINSLQP
EDFGSYYCQHFWSAPYTFGGGTNLEIKRTVAAPSVFIFPPSDEQLKSGTASVVCLLNNFYPREAKVQWKVDNALQSGNSQ
ESVTEQDSKDSTYSLSSTLTLSKADYEKHKVYACEVTHQGLSSPVTKSFNRGEC
;
B
3 'polypeptide(L)'
;TGNVTQEDIIRALASPLIKDGMVDEDFAEYVIARENRSPTGLQAKGVGVAIPHTLGDYVRDNAISVGILDKPVNFSGWYQ
SPDPVPVRVVFMLAGRTWDDIVIVLKWIKDVILDEEFMKRLLNMSDEEIYRQIYTRISKAPNLSGINFSREYVRHLNGSG
GSGLNDIFEAQKIEWHEGSGGHHHHHH
;
C
4 'polypeptide(L)'
;EVQLVESGGGLVKPGGSLRLSCSASGFDFDNAWMTWVRQPPGKGLEWVGRITGPGEGWSVDYAAPVEGRFTISRLNSINF
LYLEMNNLRMEDSGLYFCARTGKYYDFWSGYPPGEEYFQDWGRGTLVTVSSASTKGPSVFPLAPSSKSTSGGTAALGCLV
KDYFPEPVTVSWNSGALTSGVHTFPAVLQSSGLYSLSSVVTVPSSSLGTQTYICNVNHKPSNTKVDKKVEPKSC
;
H
5 'polypeptide(L)'
;SYELTQETGVSVALGRTVTITCRGDSLRSHYASWYQKKPGQAPILLFYGKNNRPSGVPDRFSGSASGNRASLTISGAQAE
DDAEYYCSSRDKSGSRLSVFGGGTKLTVLGQPKAAPSVTLFPPSSEELQANKATLVCLISDFYPGAVTVAWKADSSPVKA
GVETTTPSKQSNNKYAASSYLSLTPEQWKSHRSYSCQVTHEGSTVEKTVAPTECS
;
L
#
loop_
_chem_comp.id
_chem_comp.type
_chem_comp.name
_chem_comp.formula
NAG D-saccharide, beta linking 2-acetamido-2-deoxy-beta-D-glucopyranose 'C8 H15 N O6'
#
# COMPACT_ATOMS: atom_id res chain seq x y z
N VAL A 2 14.23 -22.59 27.67
CA VAL A 2 13.17 -21.70 27.23
C VAL A 2 12.45 -21.17 28.49
N THR A 3 13.18 -21.17 29.61
CA THR A 3 12.61 -20.81 30.91
C THR A 3 12.63 -19.30 31.14
N LEU A 4 11.50 -18.75 31.56
CA LEU A 4 11.40 -17.35 31.93
C LEU A 4 11.70 -17.21 33.42
N LYS A 5 12.39 -16.14 33.79
CA LYS A 5 12.72 -15.87 35.19
C LYS A 5 12.38 -14.42 35.51
N GLU A 6 11.93 -14.19 36.74
CA GLU A 6 11.52 -12.87 37.20
C GLU A 6 12.27 -12.52 38.48
N SER A 7 12.52 -11.22 38.67
CA SER A 7 13.11 -10.73 39.90
C SER A 7 12.64 -9.30 40.15
N GLY A 8 12.47 -8.96 41.43
CA GLY A 8 12.11 -7.61 41.79
C GLY A 8 12.01 -7.38 43.29
N PRO A 9 11.70 -6.14 43.67
CA PRO A 9 11.60 -5.81 45.11
C PRO A 9 10.51 -6.62 45.80
N GLY A 10 10.80 -7.00 47.05
CA GLY A 10 9.80 -7.70 47.84
C GLY A 10 8.83 -6.74 48.48
N ILE A 11 9.29 -5.98 49.48
CA ILE A 11 8.48 -4.97 50.17
C ILE A 11 9.06 -3.61 49.80
N LEU A 12 8.21 -2.73 49.27
CA LEU A 12 8.57 -1.38 48.86
C LEU A 12 7.65 -0.37 49.54
N GLN A 13 8.13 0.94 49.60
CA GLN A 13 7.36 2.00 50.23
C GLN A 13 6.40 2.65 49.20
N PRO A 14 5.20 3.08 49.60
CA PRO A 14 4.30 3.78 48.67
C PRO A 14 4.85 5.05 48.04
N SER A 15 4.48 5.25 46.78
CA SER A 15 4.76 6.39 45.90
C SER A 15 6.12 6.31 45.20
N GLN A 16 6.99 5.36 45.53
CA GLN A 16 8.27 5.26 44.82
C GLN A 16 8.04 4.49 43.53
N THR A 17 9.10 4.33 42.73
CA THR A 17 9.06 3.57 41.50
C THR A 17 9.76 2.24 41.72
N LEU A 18 9.10 1.15 41.33
CA LEU A 18 9.73 -0.18 41.39
C LEU A 18 10.18 -0.59 39.99
N SER A 19 11.22 -1.43 39.96
CA SER A 19 11.76 -1.99 38.73
C SER A 19 11.81 -3.52 38.76
N LEU A 20 10.95 -4.15 37.97
CA LEU A 20 10.83 -5.61 37.88
C LEU A 20 11.53 -6.09 36.62
N THR A 21 12.49 -7.01 36.76
CA THR A 21 13.32 -7.46 35.66
C THR A 21 13.01 -8.90 35.29
N CYS A 22 12.75 -9.15 34.00
CA CYS A 22 12.54 -10.49 33.49
C CYS A 22 13.77 -10.91 32.68
N SER A 23 14.34 -12.06 33.07
CA SER A 23 15.45 -12.71 32.37
C SER A 23 14.89 -13.83 31.49
N PHE A 24 15.45 -13.94 30.29
CA PHE A 24 15.06 -14.96 29.32
C PHE A 24 16.24 -15.89 29.10
N SER A 25 15.93 -17.15 28.81
CA SER A 25 16.97 -18.15 28.58
C SER A 25 16.45 -19.19 27.61
N GLY A 26 17.23 -19.46 26.56
CA GLY A 26 16.83 -20.42 25.54
C GLY A 26 15.91 -19.88 24.49
N PHE A 27 15.64 -18.57 24.50
CA PHE A 27 14.70 -17.93 23.60
C PHE A 27 15.31 -16.59 23.19
N SER A 28 15.13 -16.21 21.93
CA SER A 28 15.65 -14.94 21.42
C SER A 28 14.49 -14.01 21.15
N LEU A 29 14.59 -12.81 21.71
CA LEU A 29 13.57 -11.77 21.61
C LEU A 29 13.64 -10.96 20.32
N SER A 30 14.62 -11.23 19.46
CA SER A 30 14.76 -10.56 18.17
C SER A 30 13.97 -11.24 17.05
N THR A 31 13.36 -12.40 17.32
CA THR A 31 12.69 -13.16 16.28
C THR A 31 11.37 -12.54 15.88
N PHE A 32 11.14 -12.48 14.56
CA PHE A 32 9.91 -11.93 14.00
C PHE A 32 8.69 -12.67 14.54
N GLY A 33 7.70 -11.90 14.98
CA GLY A 33 6.46 -12.46 15.49
C GLY A 33 6.46 -12.72 16.98
N MET A 34 7.59 -12.60 17.65
CA MET A 34 7.71 -12.87 19.07
C MET A 34 7.62 -11.57 19.86
N GLY A 35 7.25 -11.72 21.13
CA GLY A 35 7.13 -10.59 22.04
C GLY A 35 6.79 -11.11 23.41
N VAL A 36 6.74 -10.18 24.37
CA VAL A 36 6.52 -10.55 25.77
C VAL A 36 5.63 -9.50 26.42
N GLY A 37 4.82 -9.94 27.37
CA GLY A 37 3.98 -9.05 28.14
C GLY A 37 4.04 -9.31 29.64
N TRP A 38 3.33 -8.45 30.34
CA TRP A 38 3.25 -8.41 31.80
C TRP A 38 1.82 -8.56 32.30
N ILE A 39 1.64 -9.42 33.30
CA ILE A 39 0.31 -9.72 33.84
C ILE A 39 0.32 -9.43 35.35
N ARG A 40 -0.73 -8.76 35.83
CA ARG A 40 -0.90 -8.43 37.24
C ARG A 40 -2.13 -9.12 37.78
N GLN A 41 -2.03 -9.68 38.98
CA GLN A 41 -3.14 -10.38 39.64
C GLN A 41 -3.23 -9.95 41.10
N PRO A 42 -4.09 -9.00 41.45
CA PRO A 42 -4.26 -8.66 42.86
C PRO A 42 -4.74 -9.90 43.61
N SER A 43 -4.31 -10.04 44.86
CA SER A 43 -4.69 -11.20 45.64
C SER A 43 -6.20 -11.26 45.82
N GLY A 44 -6.77 -12.44 45.60
CA GLY A 44 -8.20 -12.66 45.73
C GLY A 44 -9.01 -12.24 44.52
N LYS A 45 -8.36 -11.65 43.52
CA LYS A 45 -8.97 -11.14 42.30
C LYS A 45 -8.46 -11.92 41.10
N GLY A 46 -9.02 -11.60 39.95
CA GLY A 46 -8.59 -12.18 38.70
C GLY A 46 -7.34 -11.45 38.21
N LEU A 47 -7.04 -11.61 36.92
CA LEU A 47 -5.82 -11.10 36.34
C LEU A 47 -6.17 -9.96 35.41
N GLU A 48 -5.21 -9.04 35.21
CA GLU A 48 -5.38 -7.96 34.26
C GLU A 48 -4.08 -7.71 33.49
N TRP A 49 -4.24 -7.24 32.25
CA TRP A 49 -3.14 -6.94 31.35
C TRP A 49 -2.63 -5.51 31.53
N LEU A 50 -1.31 -5.38 31.65
CA LEU A 50 -0.68 -4.05 31.77
C LEU A 50 0.02 -3.58 30.50
N ALA A 51 0.88 -4.40 29.90
CA ALA A 51 1.66 -3.93 28.76
C ALA A 51 2.37 -5.09 28.11
N HIS A 52 2.81 -4.87 26.87
CA HIS A 52 3.65 -5.84 26.17
C HIS A 52 4.47 -5.12 25.11
N ILE A 53 5.55 -5.78 24.70
CA ILE A 53 6.44 -5.31 23.66
C ILE A 53 6.66 -6.40 22.61
N TRP A 54 6.61 -5.98 21.35
CA TRP A 54 6.89 -6.78 20.18
C TRP A 54 8.36 -6.63 19.78
N TRP A 55 8.84 -7.63 19.02
CA TRP A 55 10.22 -7.69 18.54
C TRP A 55 10.74 -6.38 17.94
N ASP A 56 9.88 -5.50 17.44
CA ASP A 56 10.31 -4.29 16.77
C ASP A 56 10.44 -3.09 17.71
N ASP A 57 10.33 -3.31 19.03
CA ASP A 57 10.46 -2.26 20.04
C ASP A 57 9.37 -1.19 19.96
N ASP A 58 8.17 -1.53 19.50
CA ASP A 58 7.04 -0.63 19.68
C ASP A 58 6.50 -0.84 21.09
N LYS A 59 5.50 -0.07 21.50
CA LYS A 59 5.04 -0.17 22.88
C LYS A 59 3.53 0.06 22.83
N PHE A 60 2.83 -0.61 23.74
CA PHE A 60 1.40 -0.49 24.02
C PHE A 60 1.22 -0.53 25.53
N TYR A 61 0.40 0.40 26.03
CA TYR A 61 0.07 0.48 27.45
C TYR A 61 -1.43 0.57 27.66
N ASN A 62 -1.90 -0.10 28.72
CA ASN A 62 -3.32 -0.03 29.06
C ASN A 62 -3.63 1.44 29.38
N PRO A 63 -4.54 2.11 28.65
CA PRO A 63 -4.79 3.54 28.92
C PRO A 63 -5.09 3.93 30.37
N ALA A 64 -5.83 3.11 31.11
CA ALA A 64 -6.22 3.45 32.48
C ALA A 64 -5.04 3.75 33.38
N LEU A 65 -3.89 3.12 33.14
CA LEU A 65 -2.69 3.30 33.94
C LEU A 65 -1.51 3.79 33.08
N LYS A 66 -1.81 4.39 31.92
CA LYS A 66 -0.77 4.77 30.97
C LYS A 66 0.29 5.67 31.61
N SER A 67 -0.11 6.59 32.47
CA SER A 67 0.78 7.54 33.09
C SER A 67 1.80 6.92 34.04
N ARG A 68 1.63 5.66 34.46
CA ARG A 68 2.52 5.05 35.44
C ARG A 68 3.30 3.84 34.94
N LEU A 69 3.27 3.52 33.65
CA LEU A 69 3.94 2.34 33.11
C LEU A 69 5.00 2.71 32.09
N THR A 70 6.22 2.19 32.29
CA THR A 70 7.31 2.32 31.33
C THR A 70 7.98 0.97 31.21
N ILE A 71 8.33 0.54 29.99
CA ILE A 71 9.10 -0.69 29.80
C ILE A 71 10.33 -0.38 28.97
N SER A 72 11.48 -0.89 29.40
CA SER A 72 12.74 -0.77 28.69
C SER A 72 13.17 -2.17 28.25
N LYS A 73 13.26 -2.37 26.94
CA LYS A 73 13.60 -3.65 26.34
C LYS A 73 15.09 -3.65 26.01
N ASP A 74 15.80 -4.71 26.39
CA ASP A 74 17.19 -4.85 26.01
C ASP A 74 17.40 -6.27 25.51
N THR A 75 17.63 -6.38 24.20
CA THR A 75 17.87 -7.68 23.60
C THR A 75 19.18 -8.25 24.11
N SER A 76 20.20 -7.41 24.23
CA SER A 76 21.46 -7.87 24.80
C SER A 76 21.21 -8.19 26.27
N LYS A 77 21.77 -9.31 26.71
CA LYS A 77 21.61 -9.87 28.04
C LYS A 77 20.20 -10.41 28.28
N ASN A 78 19.34 -10.41 27.25
CA ASN A 78 17.99 -11.00 27.33
C ASN A 78 17.19 -10.46 28.52
N GLN A 79 17.00 -9.13 28.56
CA GLN A 79 16.34 -8.50 29.71
C GLN A 79 15.18 -7.60 29.31
N VAL A 80 14.14 -7.62 30.14
CA VAL A 80 13.01 -6.70 30.05
C VAL A 80 12.80 -6.02 31.40
N PHE A 81 12.79 -4.69 31.41
CA PHE A 81 12.70 -3.88 32.62
C PHE A 81 11.31 -3.22 32.69
N LEU A 82 10.54 -3.53 33.72
CA LEU A 82 9.26 -2.88 34.00
C LEU A 82 9.47 -1.81 35.06
N LYS A 83 9.23 -0.54 34.73
CA LYS A 83 9.26 0.53 35.72
C LYS A 83 7.83 0.97 35.95
N ILE A 84 7.39 0.88 37.21
CA ILE A 84 6.04 1.28 37.62
C ILE A 84 6.20 2.37 38.67
N ALA A 85 5.77 3.58 38.30
CA ALA A 85 5.84 4.80 39.10
C ALA A 85 4.67 4.95 40.07
N ASN A 86 4.94 5.68 41.16
CA ASN A 86 3.93 6.14 42.13
C ASN A 86 2.97 5.03 42.60
N VAL A 87 3.57 3.96 43.12
CA VAL A 87 2.80 2.77 43.48
C VAL A 87 1.86 3.10 44.63
N ASP A 88 0.59 2.74 44.48
CA ASP A 88 -0.43 3.01 45.48
C ASP A 88 -0.64 1.73 46.30
N THR A 89 -1.52 1.81 47.30
CA THR A 89 -1.81 0.63 48.12
C THR A 89 -2.45 -0.47 47.27
N ALA A 90 -3.33 -0.07 46.36
CA ALA A 90 -4.08 -0.99 45.50
C ALA A 90 -3.20 -1.84 44.58
N ASP A 91 -1.92 -1.53 44.44
CA ASP A 91 -1.06 -2.23 43.49
C ASP A 91 -0.39 -3.47 44.07
N THR A 92 -0.76 -3.89 45.29
CA THR A 92 -0.25 -5.14 45.82
C THR A 92 -0.79 -6.28 44.97
N ALA A 93 0.09 -7.13 44.45
CA ALA A 93 -0.36 -8.16 43.52
C ALA A 93 0.80 -9.11 43.20
N THR A 94 0.44 -10.23 42.59
CA THR A 94 1.40 -11.12 41.95
C THR A 94 1.61 -10.64 40.51
N TYR A 95 2.86 -10.54 40.09
CA TYR A 95 3.20 -10.16 38.73
C TYR A 95 3.81 -11.35 38.01
N TYR A 96 3.51 -11.45 36.70
CA TYR A 96 4.04 -12.51 35.86
C TYR A 96 4.65 -11.95 34.57
N CYS A 97 5.75 -12.57 34.15
CA CYS A 97 6.39 -12.34 32.86
C CYS A 97 5.92 -13.47 31.95
N ALA A 98 5.32 -13.14 30.80
CA ALA A 98 4.87 -14.21 29.90
C ALA A 98 5.07 -13.84 28.44
N ARG A 99 5.47 -14.82 27.64
CA ARG A 99 5.74 -14.59 26.23
C ARG A 99 4.42 -14.41 25.49
N ILE A 100 4.39 -13.47 24.54
CA ILE A 100 3.14 -13.25 23.81
C ILE A 100 2.92 -14.39 22.83
N GLY A 101 3.97 -14.81 22.14
CA GLY A 101 3.88 -15.99 21.29
C GLY A 101 3.45 -15.65 19.88
N GLU A 102 3.94 -16.45 18.93
CA GLU A 102 3.50 -16.33 17.55
C GLU A 102 2.08 -16.89 17.49
N ASP A 103 1.22 -16.25 16.71
CA ASP A 103 -0.20 -16.58 16.59
C ASP A 103 -0.98 -16.24 17.87
N TYR A 104 -0.42 -15.37 18.72
CA TYR A 104 -1.16 -14.76 19.82
C TYR A 104 -1.65 -15.71 20.91
N PHE A 105 -0.75 -16.25 21.73
CA PHE A 105 -1.17 -17.01 22.90
C PHE A 105 -0.01 -17.06 23.88
N LEU A 106 -0.34 -17.08 25.19
CA LEU A 106 0.68 -17.00 26.23
C LEU A 106 1.08 -18.44 26.57
N ASP A 107 1.98 -18.99 25.73
CA ASP A 107 2.37 -20.39 25.86
C ASP A 107 3.33 -20.65 27.02
N VAL A 108 4.25 -19.73 27.30
CA VAL A 108 5.26 -19.91 28.34
C VAL A 108 5.06 -18.87 29.42
N TRP A 109 4.93 -19.33 30.66
CA TRP A 109 4.72 -18.49 31.82
C TRP A 109 5.85 -18.73 32.82
N GLY A 110 6.21 -17.69 33.57
CA GLY A 110 7.13 -17.83 34.67
C GLY A 110 6.40 -18.29 35.92
N LYS A 111 7.17 -18.43 37.00
CA LYS A 111 6.57 -18.86 38.26
C LYS A 111 5.83 -17.73 38.96
N GLY A 112 6.12 -16.49 38.59
CA GLY A 112 5.52 -15.32 39.20
C GLY A 112 6.32 -14.78 40.36
N THR A 113 5.97 -13.56 40.74
CA THR A 113 6.62 -12.86 41.85
C THR A 113 5.55 -12.11 42.63
N THR A 114 5.79 -11.91 43.92
CA THR A 114 4.85 -11.22 44.79
C THR A 114 5.36 -9.83 45.10
N VAL A 115 4.51 -8.82 44.91
CA VAL A 115 4.85 -7.43 45.16
C VAL A 115 3.86 -6.90 46.19
N THR A 116 4.38 -6.48 47.33
CA THR A 116 3.58 -6.01 48.46
C THR A 116 3.90 -4.55 48.73
N VAL A 117 2.86 -3.73 48.83
CA VAL A 117 2.99 -2.30 49.08
C VAL A 117 2.77 -2.09 50.57
N SER A 118 3.73 -1.46 51.25
CA SER A 118 3.62 -1.24 52.68
C SER A 118 2.62 -0.13 52.98
N ASP B 1 -11.68 0.70 22.93
CA ASP B 1 -11.65 -0.22 24.11
C ASP B 1 -12.68 -1.33 23.94
N ILE B 2 -12.24 -2.57 24.14
CA ILE B 2 -13.10 -3.75 24.10
C ILE B 2 -13.20 -4.33 25.51
N GLN B 3 -14.43 -4.50 25.99
CA GLN B 3 -14.72 -5.08 27.29
C GLN B 3 -15.23 -6.49 27.04
N MET B 4 -15.18 -7.34 28.08
CA MET B 4 -15.62 -8.72 27.94
C MET B 4 -16.32 -9.20 29.22
N THR B 5 -17.37 -10.01 29.04
CA THR B 5 -18.14 -10.57 30.15
C THR B 5 -17.97 -12.09 30.27
N GLN B 6 -17.60 -12.54 31.47
CA GLN B 6 -17.51 -13.96 31.81
C GLN B 6 -18.80 -14.42 32.48
N SER B 7 -19.36 -15.55 32.03
CA SER B 7 -20.61 -16.06 32.60
C SER B 7 -20.66 -17.59 32.65
N PRO B 8 -21.25 -18.19 33.72
CA PRO B 8 -21.91 -17.60 34.91
C PRO B 8 -20.87 -17.05 35.88
N ALA B 9 -21.24 -16.30 36.92
CA ALA B 9 -20.26 -15.83 37.89
C ALA B 9 -19.50 -16.99 38.53
N SER B 10 -20.17 -18.11 38.77
CA SER B 10 -19.51 -19.30 39.31
C SER B 10 -20.23 -20.53 38.81
N LEU B 11 -19.50 -21.64 38.73
CA LEU B 11 -20.06 -22.94 38.35
C LEU B 11 -19.83 -23.93 39.48
N SER B 12 -20.73 -24.92 39.57
CA SER B 12 -20.68 -25.97 40.58
C SER B 12 -20.82 -27.32 39.87
N ALA B 13 -19.81 -28.18 40.00
CA ALA B 13 -19.82 -29.45 39.29
C ALA B 13 -19.12 -30.54 40.08
N SER B 14 -19.47 -31.78 39.74
CA SER B 14 -18.91 -33.01 40.28
C SER B 14 -17.95 -33.67 39.29
N VAL B 15 -17.22 -34.66 39.79
CA VAL B 15 -16.27 -35.41 38.96
C VAL B 15 -17.02 -36.31 37.99
N GLY B 16 -16.65 -36.23 36.71
CA GLY B 16 -17.22 -37.06 35.66
C GLY B 16 -18.30 -36.44 34.79
N GLU B 17 -18.88 -35.30 35.17
CA GLU B 17 -19.88 -34.65 34.35
C GLU B 17 -19.20 -33.73 33.33
N THR B 18 -19.95 -33.42 32.26
CA THR B 18 -19.49 -32.48 31.25
C THR B 18 -20.10 -31.12 31.56
N VAL B 19 -19.25 -30.09 31.59
CA VAL B 19 -19.67 -28.72 31.90
C VAL B 19 -19.18 -27.77 30.82
N THR B 20 -19.82 -26.59 30.79
CA THR B 20 -19.46 -25.55 29.84
C THR B 20 -19.35 -24.20 30.55
N ILE B 21 -18.50 -23.32 30.00
CA ILE B 21 -18.33 -21.94 30.42
C ILE B 21 -18.43 -21.02 29.20
N THR B 22 -18.91 -19.77 29.39
CA THR B 22 -19.06 -18.83 28.28
C THR B 22 -18.34 -17.50 28.54
N CYS B 23 -17.72 -16.99 27.46
CA CYS B 23 -17.03 -15.71 27.40
C CYS B 23 -17.64 -14.92 26.25
N ARG B 24 -18.29 -13.78 26.55
CA ARG B 24 -18.97 -12.97 25.55
C ARG B 24 -18.28 -11.62 25.39
N ALA B 25 -17.89 -11.33 24.15
CA ALA B 25 -17.24 -10.08 23.79
C ALA B 25 -18.27 -8.96 23.57
N SER B 26 -17.82 -7.73 23.80
CA SER B 26 -18.62 -6.54 23.51
C SER B 26 -18.45 -6.04 22.07
N GLY B 27 -17.68 -6.73 21.24
CA GLY B 27 -17.45 -6.33 19.87
C GLY B 27 -16.99 -7.54 19.08
N ASN B 28 -16.87 -7.39 17.76
CA ASN B 28 -16.53 -8.53 16.92
C ASN B 28 -15.02 -8.72 16.93
N ILE B 29 -14.57 -9.79 17.59
CA ILE B 29 -13.17 -10.13 17.80
C ILE B 29 -12.71 -11.32 16.97
N HIS B 30 -13.58 -11.88 16.12
CA HIS B 30 -13.32 -13.05 15.28
C HIS B 30 -12.79 -14.21 16.14
N ASN B 31 -11.71 -14.88 15.76
CA ASN B 31 -11.19 -16.06 16.48
C ASN B 31 -9.98 -15.77 17.34
N TYR B 32 -9.69 -14.50 17.64
CA TYR B 32 -8.51 -14.15 18.45
C TYR B 32 -8.83 -14.22 19.94
N LEU B 33 -9.04 -15.46 20.41
CA LEU B 33 -9.44 -15.80 21.77
C LEU B 33 -8.64 -16.98 22.26
N ALA B 34 -8.21 -16.93 23.53
CA ALA B 34 -7.52 -18.06 24.15
C ALA B 34 -8.06 -18.29 25.56
N TRP B 35 -8.04 -19.56 25.96
CA TRP B 35 -8.46 -20.06 27.27
C TRP B 35 -7.29 -20.65 28.05
N TYR B 36 -7.27 -20.29 29.35
CA TYR B 36 -6.23 -20.63 30.32
C TYR B 36 -6.85 -21.14 31.62
N GLN B 37 -6.09 -21.95 32.38
CA GLN B 37 -6.50 -22.41 33.71
C GLN B 37 -5.39 -22.14 34.70
N GLN B 38 -5.76 -21.56 35.83
CA GLN B 38 -4.82 -21.22 36.91
C GLN B 38 -5.15 -22.08 38.11
N LYS B 39 -4.11 -22.64 38.72
CA LYS B 39 -4.22 -23.39 39.96
C LYS B 39 -3.74 -22.49 41.09
N GLN B 40 -4.20 -22.78 42.30
CA GLN B 40 -3.87 -21.92 43.42
C GLN B 40 -2.36 -21.95 43.66
N GLY B 41 -1.75 -20.77 43.65
CA GLY B 41 -0.33 -20.64 43.86
C GLY B 41 0.52 -20.90 42.65
N LYS B 42 -0.08 -21.21 41.51
CA LYS B 42 0.63 -21.55 40.27
C LYS B 42 0.31 -20.52 39.19
N SER B 43 1.22 -20.38 38.26
CA SER B 43 0.98 -19.54 37.09
C SER B 43 -0.08 -20.17 36.17
N PRO B 44 -0.96 -19.37 35.56
CA PRO B 44 -1.93 -19.94 34.62
C PRO B 44 -1.26 -20.64 33.45
N GLN B 45 -1.88 -21.74 33.01
CA GLN B 45 -1.43 -22.49 31.84
C GLN B 45 -2.48 -22.39 30.74
N LEU B 46 -2.01 -22.49 29.49
CA LEU B 46 -2.83 -22.40 28.30
C LEU B 46 -3.60 -23.70 28.03
N LEU B 47 -4.89 -23.57 27.69
CA LEU B 47 -5.70 -24.72 27.31
C LEU B 47 -5.96 -24.75 25.81
N VAL B 48 -6.53 -23.68 25.26
CA VAL B 48 -6.90 -23.63 23.85
C VAL B 48 -6.61 -22.24 23.32
N TYR B 49 -6.25 -22.20 22.03
CA TYR B 49 -5.90 -20.95 21.36
C TYR B 49 -6.51 -20.92 19.97
N ASN B 50 -6.58 -19.69 19.43
CA ASN B 50 -7.25 -19.41 18.17
C ASN B 50 -8.70 -19.90 18.21
N ALA B 51 -9.31 -19.77 19.39
CA ALA B 51 -10.67 -20.11 19.73
C ALA B 51 -11.00 -21.60 19.73
N LYS B 52 -10.53 -22.37 18.72
CA LYS B 52 -10.90 -23.78 18.60
C LYS B 52 -9.75 -24.79 18.54
N THR B 53 -8.50 -24.35 18.43
CA THR B 53 -7.40 -25.30 18.21
C THR B 53 -6.75 -25.69 19.54
N LEU B 54 -6.69 -27.01 19.80
CA LEU B 54 -6.13 -27.52 21.04
C LEU B 54 -4.60 -27.44 21.02
N ALA B 55 -4.03 -26.96 22.11
CA ALA B 55 -2.59 -26.89 22.27
C ALA B 55 -1.98 -28.25 22.58
N ASP B 56 -0.73 -28.43 22.16
CA ASP B 56 0.01 -29.65 22.44
C ASP B 56 0.15 -29.82 23.95
N GLY B 57 -0.06 -31.05 24.40
CA GLY B 57 0.05 -31.39 25.81
C GLY B 57 -1.22 -31.22 26.59
N VAL B 58 -2.26 -30.65 25.99
CA VAL B 58 -3.55 -30.44 26.64
C VAL B 58 -4.47 -31.60 26.22
N PRO B 59 -5.15 -32.27 27.15
CA PRO B 59 -6.02 -33.38 26.74
C PRO B 59 -7.12 -32.95 25.78
N SER B 60 -7.48 -33.88 24.88
CA SER B 60 -8.49 -33.65 23.84
C SER B 60 -9.89 -33.37 24.38
N ARG B 61 -10.15 -33.56 25.66
CA ARG B 61 -11.48 -33.32 26.23
C ARG B 61 -11.83 -31.83 26.30
N PHE B 62 -10.87 -30.93 26.07
CA PHE B 62 -11.16 -29.50 26.05
C PHE B 62 -11.60 -29.14 24.65
N SER B 63 -12.68 -28.36 24.52
CA SER B 63 -13.11 -27.95 23.19
C SER B 63 -13.71 -26.56 23.19
N GLY B 64 -13.18 -25.70 22.33
CA GLY B 64 -13.70 -24.36 22.18
C GLY B 64 -14.80 -24.35 21.12
N SER B 65 -15.72 -23.40 21.25
CA SER B 65 -16.79 -23.25 20.27
C SER B 65 -17.30 -21.82 20.32
N GLY B 66 -18.33 -21.55 19.52
CA GLY B 66 -18.94 -20.23 19.45
C GLY B 66 -18.51 -19.45 18.22
N SER B 67 -19.02 -18.23 18.13
CA SER B 67 -18.82 -17.42 16.95
C SER B 67 -19.09 -15.95 17.25
N GLY B 68 -18.40 -15.09 16.50
CA GLY B 68 -18.67 -13.67 16.56
C GLY B 68 -18.24 -13.03 17.84
N THR B 69 -19.21 -12.72 18.69
CA THR B 69 -18.98 -12.12 19.97
C THR B 69 -19.09 -13.08 21.14
N GLN B 70 -19.69 -14.27 20.94
CA GLN B 70 -19.93 -15.20 22.04
C GLN B 70 -19.20 -16.52 21.80
N TYR B 71 -18.31 -16.89 22.73
CA TYR B 71 -17.51 -18.09 22.63
C TYR B 71 -17.67 -18.90 23.91
N SER B 72 -17.40 -20.20 23.81
CA SER B 72 -17.57 -21.07 24.97
C SER B 72 -16.51 -22.17 24.98
N LEU B 73 -16.34 -22.79 26.16
CA LEU B 73 -15.45 -23.92 26.36
C LEU B 73 -16.25 -25.06 26.99
N LYS B 74 -16.19 -26.24 26.38
CA LYS B 74 -16.82 -27.44 26.92
C LYS B 74 -15.70 -28.36 27.42
N ILE B 75 -15.88 -28.89 28.63
CA ILE B 75 -14.98 -29.86 29.25
C ILE B 75 -15.75 -31.10 29.66
N ASN B 76 -15.48 -32.21 28.98
CA ASN B 76 -16.09 -33.51 29.20
C ASN B 76 -15.31 -34.33 30.23
N SER B 77 -16.02 -35.22 30.93
CA SER B 77 -15.46 -36.20 31.87
C SER B 77 -14.44 -35.58 32.83
N LEU B 78 -14.91 -34.55 33.54
CA LEU B 78 -14.05 -33.77 34.41
C LEU B 78 -13.36 -34.65 35.46
N GLN B 79 -12.03 -34.51 35.57
CA GLN B 79 -11.20 -35.27 36.50
C GLN B 79 -10.63 -34.38 37.61
N PRO B 80 -10.18 -34.97 38.74
CA PRO B 80 -9.58 -34.16 39.82
C PRO B 80 -8.47 -33.20 39.41
N GLU B 81 -7.66 -33.55 38.42
CA GLU B 81 -6.56 -32.68 38.00
C GLU B 81 -7.02 -31.40 37.31
N ASP B 82 -8.27 -31.32 36.86
CA ASP B 82 -8.72 -30.18 36.06
C ASP B 82 -9.38 -29.03 36.80
N PHE B 83 -9.52 -29.08 38.13
CA PHE B 83 -10.19 -27.99 38.84
C PHE B 83 -9.27 -26.81 39.16
N GLY B 84 -9.82 -25.61 38.93
CA GLY B 84 -9.10 -24.36 39.14
C GLY B 84 -9.90 -23.21 38.53
N SER B 85 -9.21 -22.09 38.31
CA SER B 85 -9.82 -20.86 37.80
C SER B 85 -9.59 -20.74 36.30
N TYR B 86 -10.67 -20.51 35.53
CA TYR B 86 -10.59 -20.40 34.08
C TYR B 86 -10.73 -18.96 33.60
N TYR B 87 -9.91 -18.59 32.60
CA TYR B 87 -9.91 -17.25 32.03
C TYR B 87 -9.86 -17.28 30.49
N CYS B 88 -10.53 -16.29 29.88
CA CYS B 88 -10.44 -16.01 28.46
C CYS B 88 -9.66 -14.73 28.23
N GLN B 89 -8.91 -14.68 27.13
CA GLN B 89 -8.16 -13.50 26.73
C GLN B 89 -8.43 -13.21 25.27
N HIS B 90 -8.60 -11.93 24.94
CA HIS B 90 -8.91 -11.46 23.60
C HIS B 90 -7.72 -10.70 23.06
N PHE B 91 -7.28 -11.08 21.86
CA PHE B 91 -6.10 -10.52 21.22
C PHE B 91 -6.45 -9.62 20.03
N TRP B 92 -7.71 -9.22 19.90
CA TRP B 92 -8.13 -8.39 18.76
C TRP B 92 -7.39 -7.06 18.70
N SER B 93 -7.32 -6.34 19.81
CA SER B 93 -6.65 -5.05 19.83
C SER B 93 -6.19 -4.74 21.24
N ALA B 94 -5.15 -3.91 21.33
CA ALA B 94 -4.69 -3.52 22.65
C ALA B 94 -5.64 -2.48 23.25
N PRO B 95 -5.83 -2.46 24.58
CA PRO B 95 -5.28 -3.35 25.63
C PRO B 95 -5.84 -4.76 25.58
N TYR B 96 -5.02 -5.78 25.86
CA TYR B 96 -5.46 -7.17 25.83
C TYR B 96 -6.10 -7.50 27.17
N THR B 97 -7.32 -7.00 27.35
CA THR B 97 -7.98 -7.13 28.65
C THR B 97 -8.48 -8.57 28.84
N PHE B 98 -8.79 -8.91 30.09
CA PHE B 98 -9.20 -10.24 30.50
C PHE B 98 -10.62 -10.18 31.04
N GLY B 99 -11.27 -11.35 31.07
CA GLY B 99 -12.55 -11.47 31.70
C GLY B 99 -12.41 -11.62 33.20
N GLY B 100 -13.55 -11.65 33.89
CA GLY B 100 -13.52 -11.80 35.34
C GLY B 100 -13.24 -13.20 35.83
N GLY B 101 -13.42 -14.20 34.97
CA GLY B 101 -13.13 -15.57 35.31
C GLY B 101 -14.20 -16.23 36.16
N THR B 102 -13.96 -17.51 36.44
CA THR B 102 -14.86 -18.32 37.25
C THR B 102 -14.04 -19.35 38.01
N ASN B 103 -14.51 -19.67 39.22
CA ASN B 103 -13.88 -20.69 40.04
C ASN B 103 -14.76 -21.93 39.94
N LEU B 104 -14.14 -23.04 39.53
CA LEU B 104 -14.79 -24.34 39.43
C LEU B 104 -14.30 -25.18 40.62
N GLU B 105 -15.23 -25.55 41.50
CA GLU B 105 -14.94 -26.23 42.75
C GLU B 105 -15.42 -27.68 42.75
N ILE B 106 -14.67 -28.53 43.46
CA ILE B 106 -14.99 -29.95 43.58
C ILE B 106 -16.14 -30.09 44.58
N LYS B 107 -17.21 -30.76 44.15
CA LYS B 107 -18.37 -31.01 45.01
C LYS B 107 -18.42 -32.48 45.41
N VAL C 4 -20.69 6.70 8.30
CA VAL C 4 -20.06 5.65 7.52
C VAL C 4 -19.97 6.05 6.05
N THR C 5 -19.64 7.31 5.81
CA THR C 5 -19.45 7.81 4.45
C THR C 5 -17.98 7.73 4.06
N GLN C 6 -17.72 7.92 2.77
CA GLN C 6 -16.36 7.87 2.25
C GLN C 6 -15.49 9.01 2.75
N GLU C 7 -16.05 10.20 3.00
CA GLU C 7 -15.20 11.30 3.47
C GLU C 7 -14.61 11.00 4.85
N ASP C 8 -15.40 10.37 5.72
CA ASP C 8 -14.87 10.03 7.03
C ASP C 8 -13.81 8.95 6.90
N ILE C 9 -13.97 8.03 5.95
CA ILE C 9 -12.96 7.00 5.72
C ILE C 9 -11.65 7.65 5.28
N ILE C 10 -11.73 8.62 4.36
CA ILE C 10 -10.52 9.32 3.92
C ILE C 10 -9.84 10.00 5.10
N ARG C 11 -10.64 10.67 5.94
CA ARG C 11 -10.04 11.32 7.11
C ARG C 11 -9.44 10.30 8.07
N ALA C 12 -10.13 9.17 8.26
CA ALA C 12 -9.67 8.15 9.21
C ALA C 12 -8.33 7.57 8.79
N LEU C 13 -8.12 7.37 7.48
CA LEU C 13 -6.84 6.84 7.04
C LEU C 13 -5.79 7.93 6.84
N ALA C 14 -6.20 9.18 6.59
CA ALA C 14 -5.24 10.26 6.43
C ALA C 14 -4.63 10.69 7.77
N SER C 15 -5.40 10.60 8.86
CA SER C 15 -4.97 11.06 10.19
C SER C 15 -3.56 10.62 10.60
N PRO C 16 -3.19 9.34 10.57
CA PRO C 16 -1.83 8.99 11.01
C PRO C 16 -0.74 9.49 10.09
N LEU C 17 -1.06 9.82 8.83
CA LEU C 17 -0.02 10.30 7.93
C LEU C 17 0.23 11.78 8.15
N ILE C 18 -0.81 12.53 8.49
CA ILE C 18 -0.62 13.94 8.81
C ILE C 18 0.11 14.04 10.15
N LYS C 19 -0.29 13.22 11.13
CA LYS C 19 0.39 13.28 12.42
C LYS C 19 1.86 12.91 12.29
N ASP C 20 2.17 11.88 11.50
CA ASP C 20 3.56 11.48 11.35
C ASP C 20 4.35 12.41 10.45
N GLY C 21 3.69 13.09 9.52
CA GLY C 21 4.37 13.96 8.58
C GLY C 21 4.69 13.29 7.26
N MET C 22 4.00 12.21 6.91
CA MET C 22 4.22 11.54 5.64
C MET C 22 3.54 12.27 4.51
N VAL C 23 2.44 12.98 4.80
CA VAL C 23 1.68 13.72 3.80
C VAL C 23 1.53 15.15 4.30
N ASP C 24 1.04 16.02 3.43
CA ASP C 24 0.79 17.40 3.83
C ASP C 24 -0.50 17.49 4.65
N GLU C 25 -0.62 18.58 5.40
CA GLU C 25 -1.79 18.78 6.26
C GLU C 25 -3.09 18.86 5.45
N ASP C 26 -3.03 19.37 4.22
CA ASP C 26 -4.23 19.51 3.38
C ASP C 26 -4.43 18.31 2.47
N PHE C 27 -3.67 17.24 2.66
CA PHE C 27 -3.73 16.04 1.82
C PHE C 27 -5.15 15.50 1.67
N ALA C 28 -5.91 15.45 2.76
CA ALA C 28 -7.26 14.88 2.71
C ALA C 28 -8.14 15.59 1.69
N GLU C 29 -7.98 16.91 1.55
CA GLU C 29 -8.81 17.64 0.60
C GLU C 29 -8.41 17.32 -0.83
N TYR C 30 -7.10 17.18 -1.09
CA TYR C 30 -6.66 16.88 -2.43
C TYR C 30 -7.11 15.49 -2.85
N VAL C 31 -7.03 14.51 -1.93
CA VAL C 31 -7.42 13.17 -2.32
C VAL C 31 -8.94 13.02 -2.44
N ILE C 32 -9.73 13.73 -1.62
CA ILE C 32 -11.17 13.68 -1.83
C ILE C 32 -11.54 14.30 -3.18
N ALA C 33 -10.92 15.44 -3.53
CA ALA C 33 -11.19 16.04 -4.82
C ALA C 33 -10.78 15.11 -5.97
N ARG C 34 -9.68 14.38 -5.78
CA ARG C 34 -9.24 13.42 -6.79
C ARG C 34 -10.25 12.28 -6.92
N GLU C 35 -10.77 11.78 -5.81
CA GLU C 35 -11.76 10.71 -5.86
C GLU C 35 -13.04 11.18 -6.52
N ASN C 36 -13.45 12.42 -6.24
CA ASN C 36 -14.66 12.95 -6.84
C ASN C 36 -14.49 13.14 -8.35
N ARG C 37 -13.32 13.60 -8.79
CA ARG C 37 -13.09 13.78 -10.22
C ARG C 37 -12.85 12.47 -10.94
N SER C 38 -12.13 11.55 -10.31
CA SER C 38 -11.71 10.29 -10.93
C SER C 38 -11.77 9.18 -9.88
N PRO C 39 -12.90 8.47 -9.76
CA PRO C 39 -13.05 7.52 -8.67
C PRO C 39 -12.11 6.33 -8.83
N THR C 40 -11.82 5.68 -7.69
CA THR C 40 -10.84 4.60 -7.64
C THR C 40 -11.44 3.28 -7.15
N GLY C 41 -12.75 3.08 -7.27
CA GLY C 41 -13.33 1.81 -6.83
C GLY C 41 -12.99 0.73 -7.83
N LEU C 42 -12.70 -0.47 -7.33
CA LEU C 42 -12.42 -1.64 -8.16
C LEU C 42 -13.33 -2.80 -7.78
N GLN C 43 -13.96 -3.42 -8.76
CA GLN C 43 -14.76 -4.61 -8.55
C GLN C 43 -13.89 -5.83 -8.81
N ALA C 44 -13.42 -6.47 -7.75
CA ALA C 44 -12.60 -7.66 -7.86
C ALA C 44 -13.51 -8.88 -7.98
N LYS C 45 -12.95 -9.98 -8.49
CA LYS C 45 -13.71 -11.21 -8.53
C LYS C 45 -13.99 -11.75 -7.12
N GLY C 46 -13.24 -11.28 -6.12
CA GLY C 46 -13.39 -11.66 -4.73
C GLY C 46 -14.19 -10.59 -4.00
N VAL C 47 -13.51 -9.65 -3.36
CA VAL C 47 -14.14 -8.59 -2.56
C VAL C 47 -13.72 -7.24 -3.10
N GLY C 48 -14.63 -6.28 -3.06
CA GLY C 48 -14.34 -4.96 -3.60
C GLY C 48 -13.22 -4.27 -2.83
N VAL C 49 -12.37 -3.57 -3.58
CA VAL C 49 -11.22 -2.85 -3.04
C VAL C 49 -11.21 -1.46 -3.65
N ALA C 50 -10.87 -0.47 -2.84
CA ALA C 50 -10.66 0.91 -3.28
C ALA C 50 -9.20 1.25 -3.01
N ILE C 51 -8.62 2.05 -3.90
CA ILE C 51 -7.23 2.47 -3.75
C ILE C 51 -7.10 3.98 -3.93
N PRO C 52 -7.53 4.79 -2.97
CA PRO C 52 -7.37 6.25 -3.11
C PRO C 52 -5.89 6.65 -3.16
N HIS C 53 -5.59 7.57 -4.07
CA HIS C 53 -4.26 8.14 -4.20
C HIS C 53 -4.42 9.45 -4.96
N THR C 54 -3.47 10.38 -4.76
CA THR C 54 -3.56 11.70 -5.40
C THR C 54 -2.55 11.92 -6.50
N LEU C 55 -1.41 11.23 -6.50
CA LEU C 55 -0.31 11.38 -7.45
C LEU C 55 0.25 12.80 -7.51
N GLY C 56 0.01 13.63 -6.50
CA GLY C 56 0.43 15.01 -6.51
C GLY C 56 1.76 15.21 -5.79
N ASP C 57 2.14 16.48 -5.66
CA ASP C 57 3.40 16.86 -5.02
C ASP C 57 3.19 17.34 -3.59
N TYR C 58 2.00 17.12 -3.02
CA TYR C 58 1.73 17.56 -1.65
C TYR C 58 2.36 16.62 -0.63
N VAL C 59 2.39 15.33 -0.97
CA VAL C 59 2.84 14.30 -0.04
C VAL C 59 4.33 14.44 0.22
N ARG C 60 4.71 14.34 1.50
CA ARG C 60 6.11 14.48 1.87
C ARG C 60 6.90 13.20 1.60
N ASP C 61 6.33 12.03 1.87
CA ASP C 61 7.03 10.77 1.65
C ASP C 61 6.03 9.68 1.29
N ASN C 62 6.55 8.49 1.00
CA ASN C 62 5.77 7.36 0.51
C ASN C 62 5.18 6.56 1.67
N ALA C 63 3.90 6.23 1.59
CA ALA C 63 3.29 5.46 2.66
C ALA C 63 2.04 4.73 2.18
N ILE C 64 1.73 3.61 2.85
CA ILE C 64 0.51 2.84 2.62
C ILE C 64 -0.25 2.78 3.94
N SER C 65 -1.52 3.18 3.90
CA SER C 65 -2.41 3.16 5.07
C SER C 65 -3.58 2.23 4.76
N VAL C 66 -3.79 1.21 5.58
CA VAL C 66 -4.74 0.14 5.28
C VAL C 66 -5.89 0.18 6.29
N GLY C 67 -7.11 0.30 5.78
CA GLY C 67 -8.30 0.31 6.60
C GLY C 67 -9.19 -0.88 6.31
N ILE C 68 -9.80 -1.41 7.37
CA ILE C 68 -10.75 -2.53 7.28
C ILE C 68 -12.11 -2.07 7.77
N LEU C 69 -13.13 -2.20 6.91
CA LEU C 69 -14.50 -1.79 7.20
C LEU C 69 -15.37 -3.01 7.41
N ASP C 70 -16.21 -2.98 8.45
CA ASP C 70 -17.16 -4.06 8.63
C ASP C 70 -18.41 -3.86 7.77
N LYS C 71 -18.74 -2.61 7.44
CA LYS C 71 -19.93 -2.23 6.68
C LYS C 71 -19.58 -1.61 5.33
N PRO C 72 -19.60 -2.38 4.21
CA PRO C 72 -19.05 -1.87 2.94
C PRO C 72 -19.69 -0.55 2.48
N VAL C 73 -18.88 0.26 1.79
CA VAL C 73 -19.27 1.55 1.27
C VAL C 73 -19.16 1.54 -0.26
N ASN C 74 -20.14 2.15 -0.92
CA ASN C 74 -20.22 2.16 -2.38
C ASN C 74 -19.22 3.16 -2.98
N PHE C 75 -18.20 2.63 -3.68
CA PHE C 75 -17.24 3.45 -4.43
C PHE C 75 -17.47 3.23 -5.92
N SER C 76 -17.58 4.33 -6.68
CA SER C 76 -17.75 4.23 -8.11
C SER C 76 -16.54 3.52 -8.73
N GLY C 77 -16.80 2.75 -9.77
CA GLY C 77 -15.76 1.92 -10.35
C GLY C 77 -14.67 2.71 -11.05
N TRP C 78 -13.46 2.16 -11.00
CA TRP C 78 -12.34 2.72 -11.75
C TRP C 78 -12.62 2.65 -13.24
N TYR C 79 -13.07 1.48 -13.70
CA TYR C 79 -13.38 1.23 -15.11
C TYR C 79 -14.82 1.57 -15.43
N GLN C 80 -15.23 2.79 -15.04
CA GLN C 80 -16.59 3.29 -15.20
C GLN C 80 -17.65 2.31 -14.71
N SER C 81 -18.61 1.89 -15.57
CA SER C 81 -19.71 0.98 -15.27
C SER C 81 -20.76 1.73 -14.45
N PRO C 82 -22.04 1.36 -14.56
CA PRO C 82 -23.07 1.99 -13.75
C PRO C 82 -23.28 1.53 -12.29
N ASP C 83 -22.61 0.49 -11.79
CA ASP C 83 -22.88 -0.09 -10.47
C ASP C 83 -21.73 0.16 -9.50
N PRO C 84 -21.86 1.02 -8.48
CA PRO C 84 -20.74 1.18 -7.55
C PRO C 84 -20.43 -0.14 -6.87
N VAL C 85 -19.18 -0.30 -6.48
CA VAL C 85 -18.70 -1.54 -5.86
C VAL C 85 -18.67 -1.33 -4.35
N PRO C 86 -19.29 -2.22 -3.56
CA PRO C 86 -19.13 -2.12 -2.10
C PRO C 86 -17.70 -2.48 -1.74
N VAL C 87 -17.05 -1.60 -1.00
CA VAL C 87 -15.65 -1.76 -0.61
C VAL C 87 -15.59 -1.76 0.90
N ARG C 88 -14.89 -2.76 1.43
CA ARG C 88 -14.57 -2.85 2.85
C ARG C 88 -13.09 -2.63 3.15
N VAL C 89 -12.22 -2.86 2.18
CA VAL C 89 -10.77 -2.75 2.34
C VAL C 89 -10.33 -1.49 1.60
N VAL C 90 -9.68 -0.56 2.30
CA VAL C 90 -9.26 0.71 1.71
C VAL C 90 -7.73 0.84 1.83
N PHE C 91 -7.07 1.02 0.69
CA PHE C 91 -5.62 1.25 0.63
C PHE C 91 -5.35 2.70 0.25
N MET C 92 -4.99 3.53 1.22
CA MET C 92 -4.63 4.92 0.93
C MET C 92 -3.15 4.91 0.55
N LEU C 93 -2.84 5.43 -0.62
CA LEU C 93 -1.49 5.41 -1.19
C LEU C 93 -0.90 6.80 -1.35
N ALA C 94 0.20 7.07 -0.64
CA ALA C 94 0.92 8.32 -0.78
C ALA C 94 2.28 8.04 -1.40
N GLY C 95 2.71 8.92 -2.29
CA GLY C 95 4.05 8.87 -2.88
C GLY C 95 4.26 10.10 -3.73
N ARG C 96 5.53 10.38 -4.03
CA ARG C 96 5.88 11.64 -4.67
C ARG C 96 6.29 11.54 -6.14
N THR C 97 6.34 10.34 -6.71
CA THR C 97 6.69 10.19 -8.12
C THR C 97 5.69 9.25 -8.77
N TRP C 98 5.64 9.32 -10.09
CA TRP C 98 4.82 8.42 -10.87
C TRP C 98 5.29 6.97 -10.71
N ASP C 99 6.61 6.76 -10.66
CA ASP C 99 7.13 5.39 -10.60
C ASP C 99 6.85 4.71 -9.27
N ASP C 100 6.94 5.44 -8.14
CA ASP C 100 6.72 4.76 -6.85
C ASP C 100 5.26 4.33 -6.75
N ILE C 101 4.35 5.17 -7.22
CA ILE C 101 2.94 4.84 -7.15
C ILE C 101 2.66 3.67 -8.08
N VAL C 102 3.21 3.68 -9.29
CA VAL C 102 2.92 2.59 -10.22
C VAL C 102 3.49 1.26 -9.71
N ILE C 103 4.71 1.25 -9.17
CA ILE C 103 5.26 -0.01 -8.67
C ILE C 103 4.44 -0.53 -7.51
N VAL C 104 4.03 0.36 -6.59
CA VAL C 104 3.22 -0.13 -5.48
C VAL C 104 1.87 -0.61 -6.00
N LEU C 105 1.31 0.05 -7.03
CA LEU C 105 0.05 -0.42 -7.60
C LEU C 105 0.21 -1.84 -8.13
N LYS C 106 1.34 -2.12 -8.78
CA LYS C 106 1.61 -3.48 -9.25
C LYS C 106 1.70 -4.46 -8.09
N TRP C 107 2.38 -4.05 -7.02
CA TRP C 107 2.50 -4.92 -5.84
C TRP C 107 1.13 -5.24 -5.25
N ILE C 108 0.27 -4.23 -5.09
CA ILE C 108 -1.06 -4.51 -4.54
C ILE C 108 -1.83 -5.40 -5.50
N LYS C 109 -1.69 -5.17 -6.81
CA LYS C 109 -2.35 -6.04 -7.78
C LYS C 109 -1.98 -7.50 -7.50
N ASP C 110 -0.70 -7.78 -7.31
CA ASP C 110 -0.34 -9.17 -6.99
C ASP C 110 -0.97 -9.61 -5.66
N VAL C 111 -1.11 -8.69 -4.70
CA VAL C 111 -1.75 -9.06 -3.43
C VAL C 111 -3.24 -9.38 -3.62
N ILE C 112 -3.96 -8.57 -4.39
CA ILE C 112 -5.41 -8.71 -4.53
C ILE C 112 -5.79 -10.07 -5.13
N LEU C 113 -5.05 -10.56 -6.13
CA LEU C 113 -5.42 -11.83 -6.77
C LEU C 113 -5.03 -13.06 -5.96
N ASP C 114 -4.48 -12.90 -4.76
CA ASP C 114 -4.19 -14.04 -3.87
C ASP C 114 -5.47 -14.29 -3.07
N GLU C 115 -6.26 -15.28 -3.48
CA GLU C 115 -7.59 -15.45 -2.88
C GLU C 115 -7.50 -15.77 -1.40
N GLU C 116 -6.56 -16.63 -1.01
CA GLU C 116 -6.50 -17.08 0.38
C GLU C 116 -6.09 -15.92 1.27
N PHE C 117 -5.16 -15.09 0.80
CA PHE C 117 -4.75 -13.94 1.59
C PHE C 117 -5.93 -13.02 1.84
N MET C 118 -6.72 -12.74 0.81
CA MET C 118 -7.84 -11.83 0.97
C MET C 118 -8.90 -12.42 1.88
N LYS C 119 -9.14 -13.74 1.75
CA LYS C 119 -10.15 -14.38 2.58
C LYS C 119 -9.75 -14.34 4.04
N ARG C 120 -8.47 -14.54 4.34
CA ARG C 120 -8.05 -14.42 5.72
C ARG C 120 -8.06 -12.95 6.14
N LEU C 121 -7.67 -12.05 5.21
CA LEU C 121 -7.56 -10.63 5.49
C LEU C 121 -8.86 -10.10 6.07
N LEU C 122 -9.98 -10.62 5.58
CA LEU C 122 -11.27 -10.15 6.06
C LEU C 122 -11.50 -10.40 7.56
N ASN C 123 -10.82 -11.36 8.16
CA ASN C 123 -11.02 -11.73 9.57
C ASN C 123 -9.85 -11.50 10.51
N MET C 124 -8.83 -10.74 10.13
CA MET C 124 -7.64 -10.58 10.95
C MET C 124 -7.66 -9.33 11.83
N SER C 125 -6.89 -9.43 12.91
CA SER C 125 -6.63 -8.31 13.78
C SER C 125 -5.67 -7.34 13.07
N ASP C 126 -5.52 -6.15 13.64
CA ASP C 126 -4.71 -5.13 12.97
C ASP C 126 -3.24 -5.51 12.99
N GLU C 127 -2.76 -6.12 14.08
CA GLU C 127 -1.36 -6.51 14.14
C GLU C 127 -1.03 -7.61 13.14
N GLU C 128 -1.95 -8.53 12.92
CA GLU C 128 -1.69 -9.60 11.97
C GLU C 128 -1.61 -9.05 10.56
N ILE C 129 -2.46 -8.06 10.26
CA ILE C 129 -2.43 -7.40 8.96
C ILE C 129 -1.09 -6.72 8.80
N TYR C 130 -0.64 -6.03 9.86
CA TYR C 130 0.67 -5.39 9.82
C TYR C 130 1.78 -6.39 9.50
N ARG C 131 1.78 -7.53 10.19
CA ARG C 131 2.85 -8.49 9.97
C ARG C 131 2.86 -9.04 8.55
N GLN C 132 1.69 -9.38 8.02
CA GLN C 132 1.68 -9.99 6.69
C GLN C 132 1.96 -8.96 5.59
N ILE C 133 1.45 -7.74 5.73
CA ILE C 133 1.75 -6.74 4.71
C ILE C 133 3.22 -6.35 4.80
N TYR C 134 3.74 -6.15 6.01
CA TYR C 134 5.17 -5.86 6.19
C TYR C 134 6.04 -6.93 5.55
N THR C 135 5.70 -8.20 5.78
CA THR C 135 6.45 -9.30 5.17
C THR C 135 6.39 -9.24 3.65
N ARG C 136 5.20 -9.03 3.09
CA ARG C 136 5.07 -8.96 1.63
C ARG C 136 5.85 -7.79 1.05
N ILE C 137 5.89 -6.66 1.75
CA ILE C 137 6.63 -5.50 1.27
C ILE C 137 8.13 -5.80 1.30
N SER C 138 8.61 -6.34 2.42
CA SER C 138 10.04 -6.58 2.57
C SER C 138 10.56 -7.71 1.70
N LYS C 139 9.70 -8.66 1.32
CA LYS C 139 10.17 -9.78 0.51
C LYS C 139 10.75 -9.33 -0.82
N ALA C 140 10.11 -8.36 -1.48
CA ALA C 140 10.62 -7.89 -2.75
C ALA C 140 11.87 -7.05 -2.55
N PRO C 141 12.82 -7.08 -3.49
CA PRO C 141 13.90 -6.12 -3.45
C PRO C 141 13.56 -4.64 -3.78
N ASN C 142 12.42 -4.36 -4.39
CA ASN C 142 11.98 -3.02 -4.74
C ASN C 142 11.09 -2.54 -3.59
N LEU C 143 10.53 -1.33 -3.73
CA LEU C 143 9.64 -0.74 -2.73
C LEU C 143 10.35 -0.38 -1.44
N SER C 144 11.68 -0.26 -1.46
CA SER C 144 12.39 0.22 -0.28
C SER C 144 12.10 1.70 -0.09
N GLY C 145 12.06 2.13 1.17
CA GLY C 145 11.83 3.54 1.47
C GLY C 145 10.39 3.95 1.63
N ILE C 146 9.46 3.00 1.78
CA ILE C 146 8.05 3.32 1.96
C ILE C 146 7.75 3.01 3.43
N ASN C 147 7.23 3.99 4.15
CA ASN C 147 6.98 3.80 5.57
C ASN C 147 5.67 3.05 5.78
N PHE C 148 5.71 2.10 6.72
CA PHE C 148 4.53 1.33 7.10
C PHE C 148 4.71 0.92 8.56
N SER C 149 3.74 1.29 9.40
CA SER C 149 3.84 1.06 10.83
C SER C 149 2.50 0.56 11.34
N ARG C 150 2.51 0.08 12.58
CA ARG C 150 1.30 -0.46 13.20
C ARG C 150 0.19 0.58 13.24
N GLU C 151 0.56 1.85 13.44
CA GLU C 151 -0.43 2.93 13.47
C GLU C 151 -1.18 3.08 12.15
N TYR C 152 -0.62 2.60 11.04
CA TYR C 152 -1.22 2.81 9.73
C TYR C 152 -2.20 1.71 9.32
N VAL C 153 -2.45 0.73 10.19
CA VAL C 153 -3.41 -0.35 9.95
C VAL C 153 -4.52 -0.18 10.99
N ARG C 154 -5.75 0.06 10.53
CA ARG C 154 -6.81 0.26 11.51
C ARG C 154 -8.16 -0.25 10.99
N HIS C 155 -9.02 -0.56 11.96
CA HIS C 155 -10.42 -0.86 11.68
C HIS C 155 -11.25 0.41 11.79
N LEU C 156 -12.28 0.49 10.95
CA LEU C 156 -13.20 1.62 10.88
C LEU C 156 -14.55 1.25 11.48
N ASN C 157 -15.25 2.26 11.96
CA ASN C 157 -16.57 2.08 12.56
C ASN C 157 -17.40 3.35 12.40
N VAL D 2 -5.47 25.20 -25.36
CA VAL D 2 -4.13 24.63 -25.31
C VAL D 2 -3.37 25.01 -26.58
N GLN D 3 -2.33 25.83 -26.42
CA GLN D 3 -1.48 26.23 -27.53
C GLN D 3 -0.03 26.21 -27.08
N LEU D 4 0.82 25.61 -27.91
CA LEU D 4 2.26 25.55 -27.69
C LEU D 4 2.96 26.11 -28.92
N VAL D 5 3.78 27.14 -28.73
CA VAL D 5 4.51 27.78 -29.82
C VAL D 5 6.00 27.74 -29.50
N GLU D 6 6.75 27.05 -30.36
CA GLU D 6 8.19 26.89 -30.27
C GLU D 6 8.91 28.02 -31.00
N SER D 7 10.12 28.33 -30.56
CA SER D 7 10.98 29.29 -31.23
C SER D 7 12.45 29.01 -30.90
N GLY D 8 13.32 29.73 -31.61
CA GLY D 8 14.76 29.66 -31.41
C GLY D 8 15.53 28.80 -32.39
N GLY D 9 14.85 28.15 -33.34
CA GLY D 9 15.55 27.32 -34.31
C GLY D 9 16.30 28.15 -35.34
N GLY D 10 17.28 27.50 -35.98
CA GLY D 10 18.07 28.19 -36.99
C GLY D 10 19.17 27.30 -37.51
N LEU D 11 20.05 27.92 -38.31
CA LEU D 11 21.18 27.22 -38.90
C LEU D 11 22.42 27.44 -38.04
N VAL D 12 23.06 26.34 -37.65
CA VAL D 12 24.28 26.34 -36.84
C VAL D 12 25.32 25.48 -37.54
N LYS D 13 26.58 25.86 -37.43
CA LYS D 13 27.66 25.06 -38.00
C LYS D 13 27.95 23.88 -37.08
N PRO D 14 28.48 22.77 -37.60
CA PRO D 14 28.85 21.64 -36.74
C PRO D 14 29.79 22.07 -35.63
N GLY D 15 29.53 21.59 -34.41
CA GLY D 15 30.30 21.96 -33.25
C GLY D 15 29.78 23.15 -32.47
N GLY D 16 28.75 23.85 -32.96
CA GLY D 16 28.23 25.03 -32.31
C GLY D 16 27.20 24.68 -31.25
N SER D 17 26.45 25.69 -30.83
CA SER D 17 25.47 25.52 -29.78
C SER D 17 24.28 26.44 -30.02
N LEU D 18 23.14 26.10 -29.41
CA LEU D 18 21.99 26.99 -29.51
C LEU D 18 20.95 26.66 -28.45
N ARG D 19 20.20 27.69 -28.03
CA ARG D 19 19.14 27.56 -27.05
C ARG D 19 17.78 27.71 -27.72
N LEU D 20 16.91 26.71 -27.58
CA LEU D 20 15.55 26.72 -28.07
C LEU D 20 14.59 26.98 -26.91
N SER D 21 13.42 27.53 -27.23
CA SER D 21 12.41 27.89 -26.25
C SER D 21 11.03 27.45 -26.71
N CYS D 22 10.20 27.01 -25.75
CA CYS D 22 8.83 26.60 -26.01
C CYS D 22 7.87 27.24 -25.03
N SER D 23 6.94 28.04 -25.56
CA SER D 23 5.88 28.67 -24.78
C SER D 23 4.66 27.78 -24.79
N ALA D 24 4.18 27.37 -23.62
CA ALA D 24 2.99 26.53 -23.47
C ALA D 24 1.99 27.36 -22.69
N SER D 25 0.80 27.57 -23.25
CA SER D 25 -0.25 28.23 -22.49
C SER D 25 -1.56 27.54 -22.79
N GLY D 26 -2.49 27.69 -21.86
CA GLY D 26 -3.75 27.01 -21.90
C GLY D 26 -3.78 25.77 -21.02
N PHE D 27 -2.61 25.28 -20.59
CA PHE D 27 -2.53 24.16 -19.66
C PHE D 27 -1.23 24.22 -18.89
N ASP D 28 -1.37 24.15 -17.56
CA ASP D 28 -0.32 24.51 -16.60
C ASP D 28 0.97 23.69 -16.68
N PHE D 29 2.11 24.40 -16.64
CA PHE D 29 3.46 23.80 -16.62
C PHE D 29 3.80 23.02 -15.35
N ASP D 30 3.39 23.51 -14.17
CA ASP D 30 4.04 23.03 -12.94
C ASP D 30 3.89 21.53 -12.68
N ASN D 31 2.72 20.92 -12.86
CA ASN D 31 2.57 19.52 -12.40
C ASN D 31 2.66 18.50 -13.54
N ALA D 32 2.94 18.91 -14.77
CA ALA D 32 2.89 18.02 -15.93
C ALA D 32 4.25 17.89 -16.60
N TRP D 33 4.68 16.64 -16.80
CA TRP D 33 5.91 16.32 -17.52
C TRP D 33 5.83 16.88 -18.94
N MET D 34 6.98 17.28 -19.52
CA MET D 34 6.98 17.71 -20.93
C MET D 34 8.15 17.08 -21.68
N THR D 35 7.91 16.77 -22.97
CA THR D 35 8.84 16.02 -23.82
C THR D 35 9.21 16.72 -25.13
N TRP D 36 10.49 16.61 -25.50
CA TRP D 36 11.00 17.00 -26.82
C TRP D 36 11.16 15.79 -27.72
N VAL D 37 10.69 15.93 -28.98
CA VAL D 37 10.80 14.93 -30.03
C VAL D 37 11.28 15.62 -31.29
N ARG D 38 12.05 14.92 -32.13
CA ARG D 38 12.57 15.52 -33.37
C ARG D 38 12.32 14.68 -34.60
N GLN D 39 12.33 15.36 -35.75
CA GLN D 39 12.12 14.73 -37.06
C GLN D 39 13.07 15.25 -38.14
N PRO D 40 14.11 14.50 -38.52
CA PRO D 40 14.91 14.90 -39.70
C PRO D 40 14.02 14.91 -40.92
N PRO D 41 14.22 15.83 -41.88
CA PRO D 41 13.34 15.84 -43.07
C PRO D 41 13.39 14.52 -43.82
N GLY D 42 12.20 14.04 -44.21
CA GLY D 42 12.09 12.82 -44.97
C GLY D 42 12.14 11.54 -44.16
N LYS D 43 12.41 11.65 -42.86
CA LYS D 43 12.53 10.53 -41.94
C LYS D 43 11.42 10.61 -40.91
N GLY D 44 11.25 9.52 -40.16
CA GLY D 44 10.26 9.48 -39.11
C GLY D 44 10.76 10.14 -37.85
N LEU D 45 10.00 9.97 -36.78
CA LEU D 45 10.30 10.62 -35.52
C LEU D 45 11.30 9.82 -34.71
N GLU D 46 12.06 10.54 -33.89
CA GLU D 46 12.85 9.92 -32.84
C GLU D 46 12.68 10.79 -31.60
N TRP D 47 12.69 10.14 -30.45
CA TRP D 47 12.50 10.81 -29.18
C TRP D 47 13.82 11.48 -28.77
N VAL D 48 13.72 12.70 -28.26
CA VAL D 48 14.89 13.48 -27.82
C VAL D 48 15.03 13.44 -26.30
N GLY D 49 13.96 13.67 -25.56
CA GLY D 49 14.12 13.67 -24.12
C GLY D 49 12.90 14.22 -23.41
N ARG D 50 12.87 13.98 -22.10
CA ARG D 50 11.72 14.34 -21.27
C ARG D 50 12.16 14.94 -19.94
N ILE D 51 11.47 16.01 -19.53
CA ILE D 51 11.69 16.68 -18.25
C ILE D 51 10.49 16.39 -17.33
N THR D 52 10.79 15.89 -16.13
CA THR D 52 9.83 15.52 -15.10
C THR D 52 9.43 16.72 -14.24
N GLY D 53 8.40 16.51 -13.43
CA GLY D 53 7.83 17.52 -12.56
C GLY D 53 8.50 17.67 -11.20
N PRO D 54 7.90 18.50 -10.34
CA PRO D 54 8.49 18.77 -9.01
C PRO D 54 8.79 17.56 -8.16
N GLY D 55 7.92 16.54 -8.18
CA GLY D 55 8.07 15.41 -7.28
C GLY D 55 9.22 14.49 -7.61
N GLU D 56 9.76 14.58 -8.83
CA GLU D 56 10.84 13.73 -9.29
C GLU D 56 12.20 14.41 -9.19
N GLY D 57 12.26 15.62 -8.62
CA GLY D 57 13.51 16.34 -8.53
C GLY D 57 13.97 16.94 -9.83
N TRP D 58 13.03 17.23 -10.74
CA TRP D 58 13.35 17.78 -12.05
C TRP D 58 14.30 16.86 -12.82
N SER D 59 14.10 15.56 -12.68
CA SER D 59 14.94 14.62 -13.39
C SER D 59 14.63 14.70 -14.88
N VAL D 60 15.66 14.51 -15.70
CA VAL D 60 15.55 14.54 -17.15
C VAL D 60 16.09 13.24 -17.74
N ASP D 61 15.26 12.59 -18.56
CA ASP D 61 15.59 11.35 -19.26
C ASP D 61 15.89 11.64 -20.72
N TYR D 62 17.12 11.36 -21.17
CA TYR D 62 17.51 11.66 -22.54
C TYR D 62 17.50 10.40 -23.39
N ALA D 63 17.24 10.59 -24.68
CA ALA D 63 17.40 9.50 -25.64
C ALA D 63 18.86 9.09 -25.74
N ALA D 64 19.10 7.78 -25.88
CA ALA D 64 20.45 7.24 -25.99
C ALA D 64 21.34 7.94 -27.01
N PRO D 65 20.92 8.20 -28.25
CA PRO D 65 21.85 8.82 -29.21
C PRO D 65 22.26 10.24 -28.86
N VAL D 66 21.55 10.93 -27.97
CA VAL D 66 21.85 12.30 -27.59
C VAL D 66 22.17 12.45 -26.11
N GLU D 67 22.22 11.36 -25.35
CA GLU D 67 22.43 11.46 -23.92
C GLU D 67 23.84 11.94 -23.62
N GLY D 68 23.95 12.90 -22.71
CA GLY D 68 25.22 13.47 -22.34
C GLY D 68 25.63 14.69 -23.13
N ARG D 69 24.90 15.01 -24.20
CA ARG D 69 25.19 16.16 -25.07
C ARG D 69 24.12 17.24 -25.03
N PHE D 70 22.86 16.89 -24.78
CA PHE D 70 21.77 17.83 -24.76
C PHE D 70 21.41 18.12 -23.32
N THR D 71 20.98 19.36 -23.04
CA THR D 71 20.44 19.70 -21.72
C THR D 71 19.03 20.28 -21.86
N ILE D 72 18.09 19.72 -21.09
CA ILE D 72 16.70 20.17 -21.07
C ILE D 72 16.44 20.80 -19.71
N SER D 73 15.83 21.99 -19.71
CA SER D 73 15.54 22.67 -18.45
C SER D 73 14.25 23.45 -18.59
N ARG D 74 13.70 23.85 -17.43
CA ARG D 74 12.46 24.63 -17.35
C ARG D 74 12.65 25.76 -16.37
N LEU D 75 12.01 26.91 -16.64
CA LEU D 75 11.94 28.04 -15.70
C LEU D 75 10.48 28.44 -15.50
N ASN D 76 9.94 27.96 -14.38
CA ASN D 76 8.55 28.17 -14.02
C ASN D 76 8.28 29.63 -13.64
N SER D 77 9.29 30.34 -13.15
CA SER D 77 9.08 31.72 -12.73
C SER D 77 8.83 32.63 -13.92
N ILE D 78 9.18 32.18 -15.12
CA ILE D 78 8.90 32.89 -16.36
C ILE D 78 7.99 32.06 -17.26
N ASN D 79 7.75 30.79 -16.90
CA ASN D 79 6.85 29.86 -17.59
C ASN D 79 7.35 29.47 -18.99
N PHE D 80 8.67 29.23 -19.15
CA PHE D 80 9.19 28.78 -20.45
C PHE D 80 9.94 27.45 -20.31
N LEU D 81 9.90 26.64 -21.38
CA LEU D 81 10.70 25.42 -21.45
C LEU D 81 11.88 25.71 -22.39
N TYR D 82 13.09 25.30 -22.01
CA TYR D 82 14.30 25.51 -22.82
C TYR D 82 15.10 24.24 -23.05
N LEU D 83 15.75 24.19 -24.22
CA LEU D 83 16.69 23.15 -24.59
C LEU D 83 17.99 23.74 -25.12
N GLU D 84 19.09 23.44 -24.43
CA GLU D 84 20.44 23.89 -24.80
C GLU D 84 21.19 22.74 -25.45
N MET D 85 21.59 22.93 -26.71
CA MET D 85 22.33 21.94 -27.47
C MET D 85 23.76 22.40 -27.70
N ASN D 86 24.70 21.51 -27.45
CA ASN D 86 26.11 21.72 -27.70
C ASN D 86 26.60 20.64 -28.66
N ASN D 87 27.70 20.96 -29.36
CA ASN D 87 28.48 20.06 -30.24
C ASN D 87 27.59 19.24 -31.19
N LEU D 88 26.66 19.92 -31.86
CA LEU D 88 25.76 19.24 -32.79
C LEU D 88 26.48 18.74 -34.03
N ARG D 89 25.99 17.61 -34.56
CA ARG D 89 26.49 16.96 -35.75
C ARG D 89 25.37 16.84 -36.78
N MET D 90 25.73 16.40 -37.98
CA MET D 90 24.81 16.39 -39.12
C MET D 90 23.54 15.60 -38.85
N GLU D 91 23.62 14.53 -38.07
CA GLU D 91 22.43 13.72 -37.79
C GLU D 91 21.38 14.45 -36.96
N ASP D 92 21.72 15.58 -36.33
CA ASP D 92 20.79 16.27 -35.45
C ASP D 92 19.86 17.26 -36.16
N SER D 93 20.00 17.45 -37.46
CA SER D 93 19.14 18.38 -38.19
C SER D 93 17.70 17.88 -38.21
N GLY D 94 16.76 18.80 -38.16
CA GLY D 94 15.36 18.45 -38.26
C GLY D 94 14.43 19.45 -37.60
N LEU D 95 13.15 19.10 -37.64
CA LEU D 95 12.10 19.92 -37.03
C LEU D 95 11.89 19.39 -35.62
N TYR D 96 12.04 20.27 -34.62
CA TYR D 96 11.93 19.88 -33.23
C TYR D 96 10.56 20.27 -32.67
N PHE D 97 9.87 19.31 -32.06
CA PHE D 97 8.55 19.51 -31.49
C PHE D 97 8.62 19.47 -29.97
N CYS D 98 7.80 20.34 -29.37
CA CYS D 98 7.55 20.45 -27.94
C CYS D 98 6.23 19.74 -27.64
N ALA D 99 6.21 18.96 -26.55
CA ALA D 99 5.04 18.16 -26.22
C ALA D 99 4.71 18.13 -24.72
N ARG D 100 3.41 18.00 -24.43
CA ARG D 100 2.92 17.77 -23.08
C ARG D 100 2.90 16.26 -22.83
N THR D 101 3.18 15.85 -21.58
CA THR D 101 3.18 14.44 -21.20
C THR D 101 2.33 14.17 -19.96
N GLY D 102 1.52 13.11 -20.05
CA GLY D 102 0.72 12.59 -18.97
C GLY D 102 1.09 11.13 -18.72
N LYS D 103 0.39 10.51 -17.77
CA LYS D 103 0.61 9.11 -17.40
C LYS D 103 -0.57 8.24 -17.79
N TYR D 104 -0.28 6.98 -18.14
CA TYR D 104 -1.30 5.97 -18.33
C TYR D 104 -0.86 4.65 -17.74
N TYR D 105 -1.77 3.99 -17.03
CA TYR D 105 -1.51 2.62 -16.59
C TYR D 105 -2.87 1.97 -16.33
N ASP D 106 -3.09 0.83 -16.98
CA ASP D 106 -4.28 0.01 -16.78
C ASP D 106 -3.97 -0.93 -15.62
N PHE D 107 -4.72 -0.78 -14.52
CA PHE D 107 -4.37 -1.43 -13.26
C PHE D 107 -4.09 -2.92 -13.38
N TRP D 108 -5.00 -3.66 -14.01
CA TRP D 108 -4.81 -5.11 -14.08
C TRP D 108 -3.80 -5.56 -15.14
N SER D 109 -3.64 -4.83 -16.25
CA SER D 109 -2.83 -5.33 -17.36
C SER D 109 -1.55 -4.57 -17.63
N GLY D 110 -1.29 -3.43 -16.96
CA GLY D 110 -0.09 -2.68 -17.26
C GLY D 110 1.11 -3.20 -16.51
N TYR D 111 2.27 -2.60 -16.82
CA TYR D 111 3.56 -2.95 -16.23
C TYR D 111 4.25 -1.71 -15.71
N PRO D 112 4.93 -1.77 -14.57
CA PRO D 112 5.70 -0.62 -14.12
C PRO D 112 6.84 -0.30 -15.07
N PRO D 113 7.28 0.98 -15.13
CA PRO D 113 6.80 2.17 -14.41
C PRO D 113 5.64 2.84 -15.15
N GLY D 114 4.84 2.06 -15.86
CA GLY D 114 3.71 2.63 -16.57
C GLY D 114 4.09 3.14 -17.95
N GLU D 115 3.12 3.77 -18.59
CA GLU D 115 3.25 4.30 -19.94
C GLU D 115 3.07 5.80 -19.84
N GLU D 116 3.65 6.52 -20.80
CA GLU D 116 3.51 7.96 -20.88
C GLU D 116 2.82 8.33 -22.17
N TYR D 117 1.87 9.23 -22.03
CA TYR D 117 0.95 9.69 -23.06
C TYR D 117 1.23 11.12 -23.45
N PHE D 118 1.29 11.40 -24.75
CA PHE D 118 1.52 12.77 -25.20
C PHE D 118 0.16 13.44 -25.31
N GLN D 119 -0.06 14.52 -24.53
CA GLN D 119 -1.38 15.14 -24.52
C GLN D 119 -1.60 16.11 -25.69
N ASP D 120 -0.56 16.79 -26.16
CA ASP D 120 -0.66 17.59 -27.36
C ASP D 120 0.76 17.94 -27.80
N TRP D 121 0.88 18.49 -29.01
CA TRP D 121 2.17 18.88 -29.57
C TRP D 121 1.99 20.22 -30.25
N GLY D 122 3.08 20.99 -30.31
CA GLY D 122 3.13 22.23 -31.06
C GLY D 122 3.51 22.00 -32.50
N ARG D 123 3.70 23.11 -33.22
CA ARG D 123 4.03 23.01 -34.64
C ARG D 123 5.51 22.74 -34.89
N GLY D 124 6.38 23.15 -33.97
CA GLY D 124 7.79 22.85 -34.09
C GLY D 124 8.60 23.98 -34.68
N THR D 125 9.90 23.96 -34.37
CA THR D 125 10.87 24.92 -34.89
C THR D 125 11.96 24.15 -35.63
N LEU D 126 12.36 24.66 -36.80
CA LEU D 126 13.30 23.96 -37.65
C LEU D 126 14.73 24.32 -37.27
N VAL D 127 15.56 23.30 -37.08
CA VAL D 127 16.98 23.44 -36.79
C VAL D 127 17.74 22.76 -37.92
N THR D 128 18.65 23.49 -38.54
CA THR D 128 19.48 22.97 -39.62
C THR D 128 20.94 23.06 -39.23
N VAL D 129 21.75 22.26 -39.90
CA VAL D 129 23.18 22.17 -39.63
C VAL D 129 23.93 22.36 -40.95
N SER D 130 24.98 23.16 -40.91
CA SER D 130 25.83 23.41 -42.07
C SER D 130 27.00 24.30 -41.69
N GLU E 3 13.67 -2.01 -32.70
CA GLU E 3 12.78 -2.03 -31.54
C GLU E 3 11.32 -2.12 -31.98
N LEU E 4 10.80 -1.04 -32.56
CA LEU E 4 9.43 -1.01 -33.10
C LEU E 4 9.50 -0.88 -34.61
N THR E 5 8.95 -1.88 -35.30
CA THR E 5 8.95 -1.98 -36.75
C THR E 5 7.53 -1.75 -37.28
N GLN E 6 7.42 -0.90 -38.29
CA GLN E 6 6.16 -0.61 -38.95
C GLN E 6 6.27 -0.91 -40.44
N GLU E 7 5.11 -1.16 -41.04
CA GLU E 7 5.02 -1.33 -42.49
C GLU E 7 5.47 -0.06 -43.19
N THR E 8 6.30 -0.22 -44.23
CA THR E 8 6.83 0.93 -44.96
C THR E 8 5.71 1.85 -45.44
N GLY E 9 4.64 1.29 -45.99
CA GLY E 9 3.51 2.08 -46.43
C GLY E 9 2.33 1.23 -46.87
N VAL E 10 1.12 1.78 -46.75
CA VAL E 10 -0.10 1.10 -47.16
C VAL E 10 -0.98 2.08 -47.91
N SER E 11 -1.94 1.53 -48.66
CA SER E 11 -2.95 2.32 -49.35
C SER E 11 -4.32 1.68 -49.13
N VAL E 12 -5.34 2.53 -49.08
CA VAL E 12 -6.72 2.11 -48.91
C VAL E 12 -7.59 2.87 -49.89
N ALA E 13 -8.58 2.19 -50.46
CA ALA E 13 -9.56 2.85 -51.30
C ALA E 13 -10.51 3.70 -50.46
N LEU E 14 -11.01 4.77 -51.08
CA LEU E 14 -11.92 5.69 -50.39
C LEU E 14 -13.16 4.94 -49.90
N GLY E 15 -13.48 5.10 -48.62
CA GLY E 15 -14.63 4.46 -48.02
C GLY E 15 -14.40 3.06 -47.48
N ARG E 16 -13.19 2.51 -47.62
CA ARG E 16 -12.89 1.16 -47.18
C ARG E 16 -12.24 1.15 -45.79
N THR E 17 -12.19 -0.04 -45.20
CA THR E 17 -11.64 -0.26 -43.87
C THR E 17 -10.31 -0.97 -43.97
N VAL E 18 -9.28 -0.40 -43.33
CA VAL E 18 -7.97 -1.01 -43.25
C VAL E 18 -7.48 -0.88 -41.81
N THR E 19 -6.51 -1.72 -41.44
CA THR E 19 -5.81 -1.62 -40.17
C THR E 19 -4.32 -1.52 -40.48
N ILE E 20 -3.61 -0.78 -39.62
CA ILE E 20 -2.16 -0.64 -39.70
C ILE E 20 -1.56 -1.30 -38.47
N THR E 21 -0.63 -2.22 -38.69
CA THR E 21 -0.02 -3.03 -37.64
C THR E 21 1.38 -2.53 -37.28
N CYS E 22 1.63 -2.39 -35.98
CA CYS E 22 2.89 -2.02 -35.36
C CYS E 22 3.42 -3.25 -34.64
N ARG E 23 4.70 -3.58 -34.82
CA ARG E 23 5.30 -4.76 -34.22
C ARG E 23 6.51 -4.36 -33.38
N GLY E 24 6.80 -5.14 -32.35
CA GLY E 24 7.98 -4.89 -31.54
C GLY E 24 8.01 -5.81 -30.33
N ASP E 25 9.16 -5.78 -29.66
CA ASP E 25 9.38 -6.64 -28.50
C ASP E 25 8.90 -6.03 -27.19
N SER E 26 8.92 -4.71 -27.07
CA SER E 26 8.48 -4.06 -25.83
C SER E 26 6.97 -4.12 -25.65
N LEU E 27 6.22 -4.46 -26.70
CA LEU E 27 4.76 -4.48 -26.67
C LEU E 27 4.17 -5.61 -25.82
N ARG E 28 4.96 -6.57 -25.34
CA ARG E 28 4.38 -7.60 -24.49
C ARG E 28 3.99 -7.04 -23.13
N SER E 29 4.72 -6.05 -22.62
CA SER E 29 4.45 -5.52 -21.29
C SER E 29 3.75 -4.16 -21.29
N HIS E 30 3.89 -3.35 -22.34
CA HIS E 30 3.34 -2.00 -22.34
C HIS E 30 2.60 -1.72 -23.64
N TYR E 31 1.47 -1.01 -23.52
CA TYR E 31 0.65 -0.64 -24.68
C TYR E 31 1.21 0.55 -25.43
N ALA E 32 1.07 0.49 -26.76
CA ALA E 32 1.48 1.56 -27.65
C ALA E 32 0.41 2.65 -27.77
N SER E 33 0.85 3.88 -28.01
CA SER E 33 -0.02 5.00 -28.34
C SER E 33 0.16 5.37 -29.81
N TRP E 34 -0.88 5.97 -30.40
CA TRP E 34 -0.87 6.30 -31.83
C TRP E 34 -1.09 7.79 -32.09
N TYR E 35 -0.27 8.37 -32.97
CA TYR E 35 -0.35 9.78 -33.36
C TYR E 35 -0.37 9.91 -34.88
N GLN E 36 -1.12 10.90 -35.40
CA GLN E 36 -1.23 11.14 -36.84
C GLN E 36 -0.74 12.55 -37.17
N LYS E 37 0.12 12.65 -38.20
CA LYS E 37 0.67 13.93 -38.64
C LYS E 37 0.43 14.12 -40.13
N LYS E 38 -0.20 15.27 -40.49
CA LYS E 38 -0.40 15.65 -41.88
C LYS E 38 0.68 16.67 -42.24
N PRO E 39 1.41 16.53 -43.36
CA PRO E 39 2.50 17.48 -43.65
C PRO E 39 2.07 18.93 -43.64
N GLY E 40 2.88 19.76 -42.98
CA GLY E 40 2.65 21.19 -42.90
C GLY E 40 1.81 21.64 -41.73
N GLN E 41 1.11 20.73 -41.04
CA GLN E 41 0.26 21.04 -39.91
C GLN E 41 0.87 20.39 -38.68
N ALA E 42 0.54 20.90 -37.50
CA ALA E 42 0.90 20.19 -36.29
C ALA E 42 0.08 18.89 -36.23
N PRO E 43 0.65 17.81 -35.72
CA PRO E 43 -0.12 16.57 -35.60
C PRO E 43 -1.20 16.64 -34.54
N ILE E 44 -2.23 15.82 -34.74
CA ILE E 44 -3.36 15.69 -33.84
C ILE E 44 -3.24 14.33 -33.18
N LEU E 45 -3.62 14.26 -31.91
CA LEU E 45 -3.48 13.05 -31.11
C LEU E 45 -4.60 12.09 -31.46
N LEU E 46 -4.27 10.82 -31.71
CA LEU E 46 -5.29 9.86 -32.13
C LEU E 46 -5.63 8.75 -31.13
N PHE E 47 -4.68 8.13 -30.39
CA PHE E 47 -5.08 7.02 -29.52
C PHE E 47 -4.22 6.92 -28.27
N TYR E 48 -4.93 6.81 -27.13
CA TYR E 48 -4.43 6.85 -25.76
C TYR E 48 -4.61 5.50 -25.05
N GLY E 49 -3.50 4.87 -24.67
CA GLY E 49 -3.52 3.66 -23.85
C GLY E 49 -4.25 2.44 -24.40
N LYS E 50 -5.13 1.86 -23.57
CA LYS E 50 -5.85 0.64 -23.96
C LYS E 50 -7.09 0.95 -24.78
N ASN E 51 -7.91 1.86 -24.30
CA ASN E 51 -9.17 2.19 -24.96
C ASN E 51 -9.63 3.55 -24.46
N ASN E 52 -9.02 4.62 -24.96
CA ASN E 52 -9.34 5.96 -24.49
C ASN E 52 -9.17 6.88 -25.69
N ARG E 53 -10.27 7.40 -26.21
CA ARG E 53 -10.20 8.34 -27.32
C ARG E 53 -10.26 9.75 -26.76
N PRO E 54 -9.28 10.62 -26.98
CA PRO E 54 -9.37 11.97 -26.39
C PRO E 54 -10.41 12.81 -27.12
N SER E 55 -10.78 13.92 -26.47
CA SER E 55 -11.76 14.81 -27.06
C SER E 55 -11.19 15.41 -28.35
N GLY E 56 -12.10 15.71 -29.28
CA GLY E 56 -11.73 16.29 -30.55
C GLY E 56 -11.34 15.29 -31.62
N VAL E 57 -11.59 14.00 -31.39
CA VAL E 57 -11.23 12.94 -32.31
C VAL E 57 -12.51 12.20 -32.69
N PRO E 58 -12.77 11.93 -33.97
CA PRO E 58 -13.98 11.19 -34.34
C PRO E 58 -13.94 9.73 -33.90
N ASP E 59 -15.14 9.12 -33.84
CA ASP E 59 -15.35 7.75 -33.40
C ASP E 59 -15.36 6.77 -34.57
N ARG E 60 -14.59 7.06 -35.62
CA ARG E 60 -14.49 6.23 -36.82
C ARG E 60 -13.38 5.18 -36.76
N PHE E 61 -12.56 5.17 -35.71
CA PHE E 61 -11.42 4.27 -35.67
C PHE E 61 -11.00 4.00 -34.23
N SER E 62 -10.30 2.88 -34.04
CA SER E 62 -9.81 2.59 -32.69
C SER E 62 -8.61 1.65 -32.74
N GLY E 63 -7.87 1.64 -31.64
CA GLY E 63 -6.70 0.79 -31.47
C GLY E 63 -6.97 -0.47 -30.66
N SER E 64 -6.04 -1.42 -30.78
CA SER E 64 -6.08 -2.67 -30.04
C SER E 64 -4.65 -3.22 -30.00
N ALA E 65 -4.33 -4.00 -28.96
CA ALA E 65 -3.02 -4.63 -28.91
C ALA E 65 -3.06 -5.93 -28.12
N SER E 66 -2.18 -6.84 -28.50
CA SER E 66 -2.00 -8.10 -27.77
C SER E 66 -0.67 -8.71 -28.18
N GLY E 67 -0.13 -9.58 -27.32
CA GLY E 67 1.09 -10.28 -27.66
C GLY E 67 2.21 -9.28 -27.92
N ASN E 68 2.84 -9.42 -29.08
CA ASN E 68 3.89 -8.52 -29.54
C ASN E 68 3.41 -7.69 -30.71
N ARG E 69 2.09 -7.54 -30.85
CA ARG E 69 1.46 -6.81 -31.93
C ARG E 69 0.56 -5.73 -31.35
N ALA E 70 0.46 -4.63 -32.09
CA ALA E 70 -0.47 -3.54 -31.82
C ALA E 70 -1.00 -3.09 -33.16
N SER E 71 -2.25 -2.65 -33.20
CA SER E 71 -2.79 -2.16 -34.47
C SER E 71 -3.80 -1.05 -34.23
N LEU E 72 -3.98 -0.26 -35.27
CA LEU E 72 -5.00 0.77 -35.34
C LEU E 72 -5.91 0.46 -36.53
N THR E 73 -7.21 0.32 -36.29
CA THR E 73 -8.18 0.02 -37.33
C THR E 73 -8.95 1.28 -37.66
N ILE E 74 -8.91 1.67 -38.94
CA ILE E 74 -9.56 2.85 -39.48
C ILE E 74 -10.58 2.39 -40.53
N SER E 75 -11.85 2.56 -40.23
CA SER E 75 -12.94 2.15 -41.10
C SER E 75 -13.50 3.33 -41.88
N GLY E 76 -13.83 3.10 -43.15
CA GLY E 76 -14.46 4.13 -43.96
C GLY E 76 -13.60 5.35 -44.23
N ALA E 77 -12.30 5.18 -44.45
CA ALA E 77 -11.36 6.28 -44.58
C ALA E 77 -11.78 7.32 -45.63
N GLN E 78 -11.69 8.59 -45.23
CA GLN E 78 -11.97 9.78 -46.04
C GLN E 78 -10.68 10.49 -46.42
N ALA E 79 -10.81 11.41 -47.39
CA ALA E 79 -9.68 12.12 -47.95
C ALA E 79 -8.83 12.84 -46.91
N GLU E 80 -9.43 13.33 -45.83
CA GLU E 80 -8.63 14.02 -44.82
C GLU E 80 -7.72 13.10 -44.02
N ASP E 81 -7.82 11.77 -44.17
CA ASP E 81 -7.00 10.83 -43.42
C ASP E 81 -5.65 10.52 -44.05
N ASP E 82 -5.30 11.10 -45.20
CA ASP E 82 -4.00 10.84 -45.80
C ASP E 82 -2.88 11.45 -44.94
N ALA E 83 -2.08 10.60 -44.30
CA ALA E 83 -1.17 11.15 -43.30
C ALA E 83 -0.15 10.10 -42.88
N GLU E 84 0.88 10.57 -42.18
CA GLU E 84 1.81 9.67 -41.52
C GLU E 84 1.24 9.28 -40.16
N TYR E 85 1.31 8.00 -39.83
CA TYR E 85 0.87 7.46 -38.55
C TYR E 85 2.08 6.95 -37.81
N TYR E 86 2.18 7.31 -36.53
CA TYR E 86 3.30 6.96 -35.69
C TYR E 86 2.83 6.12 -34.52
N CYS E 87 3.59 5.06 -34.25
CA CYS E 87 3.41 4.15 -33.14
C CYS E 87 4.49 4.48 -32.13
N SER E 88 4.12 4.57 -30.84
CA SER E 88 5.12 4.84 -29.83
C SER E 88 4.89 3.97 -28.62
N SER E 89 6.00 3.59 -27.99
CA SER E 89 5.96 2.70 -26.84
C SER E 89 7.26 2.86 -26.05
N ARG E 90 7.60 1.84 -25.26
CA ARG E 90 8.82 1.87 -24.46
C ARG E 90 9.93 1.18 -25.26
N ASP E 91 11.17 1.58 -25.02
CA ASP E 91 12.28 0.93 -25.73
C ASP E 91 12.53 -0.47 -25.18
N LYS E 92 12.46 -0.61 -23.86
CA LYS E 92 12.60 -1.86 -23.14
C LYS E 92 11.53 -1.89 -22.06
N SER E 93 11.05 -3.09 -21.73
CA SER E 93 10.09 -3.22 -20.66
C SER E 93 10.72 -2.70 -19.37
N GLY E 94 9.98 -1.83 -18.68
CA GLY E 94 10.42 -1.27 -17.43
C GLY E 94 11.29 -0.03 -17.56
N SER E 95 11.60 0.41 -18.77
CA SER E 95 12.46 1.56 -18.99
C SER E 95 11.68 2.85 -18.83
N ARG E 96 12.41 3.94 -18.58
CA ARG E 96 11.83 5.28 -18.51
C ARG E 96 11.96 6.07 -19.81
N LEU E 97 12.54 5.51 -20.87
CA LEU E 97 12.71 6.21 -22.14
C LEU E 97 11.61 5.76 -23.09
N SER E 98 11.07 6.70 -23.87
CA SER E 98 10.06 6.39 -24.87
C SER E 98 10.69 6.34 -26.25
N VAL E 99 10.10 5.55 -27.14
CA VAL E 99 10.57 5.43 -28.52
C VAL E 99 9.41 5.53 -29.50
N PHE E 100 9.67 6.23 -30.60
CA PHE E 100 8.80 6.31 -31.76
C PHE E 100 9.41 5.50 -32.89
N GLY E 101 8.57 4.84 -33.68
CA GLY E 101 9.02 4.13 -34.86
C GLY E 101 9.12 5.04 -36.07
N GLY E 102 9.45 4.42 -37.21
CA GLY E 102 9.61 5.16 -38.44
C GLY E 102 8.32 5.64 -39.04
N GLY E 103 7.20 5.05 -38.64
CA GLY E 103 5.89 5.43 -39.08
C GLY E 103 5.46 4.80 -40.39
N THR E 104 4.19 5.04 -40.71
CA THR E 104 3.53 4.50 -41.88
C THR E 104 2.89 5.64 -42.65
N LYS E 105 3.07 5.68 -43.96
CA LYS E 105 2.35 6.66 -44.77
C LYS E 105 1.06 6.01 -45.23
N LEU E 106 -0.08 6.62 -44.89
CA LEU E 106 -1.39 6.14 -45.32
C LEU E 106 -1.88 7.03 -46.46
N THR E 107 -2.06 6.41 -47.62
CA THR E 107 -2.57 7.04 -48.83
C THR E 107 -4.01 6.60 -49.04
N VAL E 108 -4.91 7.58 -49.22
CA VAL E 108 -6.33 7.34 -49.45
C VAL E 108 -6.68 7.90 -50.83
N LEU E 109 -7.24 7.04 -51.69
CA LEU E 109 -7.59 7.40 -53.05
C LEU E 109 -9.10 7.40 -53.25
C1 NAG F . -24.75 0.57 -3.66
C2 NAG F . -25.42 -0.04 -2.44
C3 NAG F . -26.35 -1.15 -2.89
C4 NAG F . -27.36 -0.60 -3.87
C5 NAG F . -26.64 0.06 -5.05
C6 NAG F . -27.59 0.75 -6.00
C7 NAG F . -23.92 0.20 -0.51
C8 NAG F . -22.92 -0.48 0.37
N2 NAG F . -24.43 -0.54 -1.49
O3 NAG F . -27.02 -1.70 -1.76
O4 NAG F . -28.17 -1.66 -4.37
O5 NAG F . -25.74 1.08 -4.56
O6 NAG F . -28.39 1.72 -5.34
O7 NAG F . -24.24 1.37 -0.35
C1 NAG F . -29.57 -1.33 -4.23
C2 NAG F . -30.37 -2.20 -5.19
C3 NAG F . -31.85 -1.88 -5.04
C4 NAG F . -32.26 -2.11 -3.59
C5 NAG F . -31.40 -1.24 -2.68
C6 NAG F . -31.69 -1.47 -1.20
C7 NAG F . -28.89 -2.62 -7.10
C8 NAG F . -28.59 -2.30 -8.54
N2 NAG F . -29.94 -1.99 -6.57
O3 NAG F . -32.60 -2.72 -5.90
O4 NAG F . -33.64 -1.76 -3.43
O5 NAG F . -30.02 -1.55 -2.88
O6 NAG F . -31.45 -0.30 -0.44
O7 NAG F . -28.22 -3.42 -6.46
#